data_8KH6
#
_entry.id   8KH6
#
_cell.length_a   41.780
_cell.length_b   61.180
_cell.length_c   60.720
_cell.angle_alpha   90.00
_cell.angle_beta   97.76
_cell.angle_gamma   90.00
#
_symmetry.space_group_name_H-M   'P 1 21 1'
#
loop_
_entity.id
_entity.type
_entity.pdbx_description
1 polymer 'Fibroblast growth factor receptor 4'
2 non-polymer 'SULFATE ION'
3 non-polymer 1-[4-[(1~{R})-1-[3,5-bis(chloranyl)pyridin-4-yl]ethoxy]-5-cyano-pyridin-2-yl]-3-[5-bromanyl-6-(hydroxymethyl)-3-methoxy-pyridin-2-yl]urea
4 non-polymer 1,2-ETHANEDIOL
5 water water
#
_entity_poly.entity_id   1
_entity_poly.type   'polypeptide(L)'
_entity_poly.pdbx_seq_one_letter_code
;GPLLAGLVSLDLPLDPLWEFPRDRLVLGKPLGEGCFGQVVRAEAFGMDPARPDQASTVAVKMLKDNASDKDLADLVSEME
VMKLIGRHKNIINLLGVCTQEGPLYVIVECAAKGNLREFLRARRPPGPDLSPDGPRSSEGPLSFPVLVSCAYQVARGMQY
LESRKCIHRDLAARNVLVTEDNVMKIADFGLARGVHHIDYYKKTSNGRLPVKWMAPEALFDEVYTHQSDVWSFGILLWEI
FTLGGSPYPGIPVEELFSLLREGHRMDRPPHCPPELYGLMRECWHAAPSQRPTFKQLVEALDKVLLAVSEE
;
_entity_poly.pdbx_strand_id   A
#
loop_
_chem_comp.id
_chem_comp.type
_chem_comp.name
_chem_comp.formula
EDO non-polymer 1,2-ETHANEDIOL 'C2 H6 O2'
SO4 non-polymer 'SULFATE ION' 'O4 S -2'
VVI non-polymer 1-[4-[(1~{R})-1-[3,5-bis(chloranyl)pyridin-4-yl]ethoxy]-5-cyano-pyridin-2-yl]-3-[5-bromanyl-6-(hydroxymethyl)-3-methoxy-pyridin-2-yl]urea 'C21 H17 Br Cl2 N6 O4'
#
# COMPACT_ATOMS: atom_id res chain seq x y z
N LEU A 12 21.48 -15.26 -7.21
CA LEU A 12 21.46 -16.68 -7.56
C LEU A 12 22.01 -17.71 -6.55
N PRO A 13 22.61 -17.32 -5.41
CA PRO A 13 22.98 -18.35 -4.44
C PRO A 13 21.74 -18.88 -3.72
N LEU A 14 21.84 -20.12 -3.23
CA LEU A 14 20.73 -20.76 -2.57
C LEU A 14 20.61 -20.29 -1.12
N ASP A 15 19.39 -19.88 -0.74
CA ASP A 15 19.07 -19.51 0.64
C ASP A 15 18.08 -20.52 1.17
N PRO A 16 18.52 -21.54 1.92
CA PRO A 16 17.60 -22.61 2.33
C PRO A 16 16.48 -22.13 3.22
N LEU A 17 16.64 -20.99 3.90
CA LEU A 17 15.58 -20.52 4.77
C LEU A 17 14.34 -20.15 3.96
N TRP A 18 14.53 -19.59 2.76
CA TRP A 18 13.44 -19.06 1.97
C TRP A 18 13.14 -19.82 0.69
N GLU A 19 14.05 -20.67 0.21
CA GLU A 19 13.85 -21.33 -1.07
C GLU A 19 12.65 -22.26 -1.04
N PHE A 20 11.85 -22.21 -2.12
CA PHE A 20 10.65 -23.02 -2.27
C PHE A 20 10.70 -23.69 -3.65
N PRO A 21 10.44 -25.00 -3.73
CA PRO A 21 10.55 -25.67 -5.05
C PRO A 21 9.51 -25.12 -6.03
N ARG A 22 9.98 -24.69 -7.21
CA ARG A 22 9.07 -24.05 -8.15
C ARG A 22 8.03 -25.00 -8.71
N ASP A 23 8.28 -26.30 -8.67
CA ASP A 23 7.31 -27.26 -9.17
C ASP A 23 6.12 -27.44 -8.24
N ARG A 24 6.17 -26.82 -7.06
CA ARG A 24 5.03 -26.79 -6.14
C ARG A 24 4.13 -25.59 -6.37
N LEU A 25 4.42 -24.79 -7.40
CA LEU A 25 3.61 -23.66 -7.82
C LEU A 25 2.88 -23.99 -9.10
N VAL A 26 1.61 -23.61 -9.16
CA VAL A 26 0.82 -23.64 -10.38
C VAL A 26 0.39 -22.21 -10.64
N LEU A 27 0.99 -21.59 -11.65
CA LEU A 27 0.69 -20.19 -11.94
C LEU A 27 -0.72 -20.06 -12.52
N GLY A 28 -1.42 -19.01 -12.10
CA GLY A 28 -2.75 -18.71 -12.60
C GLY A 28 -2.83 -17.36 -13.28
N LYS A 29 -3.97 -16.70 -13.16
CA LYS A 29 -4.22 -15.48 -13.90
C LYS A 29 -3.35 -14.33 -13.37
N PRO A 30 -2.79 -13.50 -14.26
CA PRO A 30 -1.99 -12.37 -13.78
C PRO A 30 -2.83 -11.40 -12.97
N LEU A 31 -2.19 -10.73 -12.03
CA LEU A 31 -2.86 -9.75 -11.19
C LEU A 31 -2.56 -8.31 -11.58
N GLY A 32 -1.38 -8.05 -12.13
CA GLY A 32 -1.01 -6.68 -12.46
C GLY A 32 0.44 -6.59 -12.86
N GLU A 33 0.81 -5.42 -13.39
CA GLU A 33 2.16 -5.22 -13.91
C GLU A 33 2.71 -3.83 -13.61
N GLY A 37 8.32 -5.20 -12.57
CA GLY A 37 7.94 -6.60 -12.68
C GLY A 37 6.45 -6.81 -12.83
N GLN A 38 6.00 -8.07 -12.74
CA GLN A 38 4.59 -8.39 -12.82
C GLN A 38 4.25 -9.42 -11.76
N VAL A 39 2.97 -9.46 -11.41
CA VAL A 39 2.49 -10.26 -10.28
C VAL A 39 1.40 -11.21 -10.76
N VAL A 40 1.56 -12.49 -10.44
CA VAL A 40 0.67 -13.52 -10.91
C VAL A 40 0.10 -14.26 -9.72
N ARG A 41 -1.20 -14.52 -9.76
CA ARG A 41 -1.83 -15.40 -8.78
C ARG A 41 -1.37 -16.84 -9.02
N ALA A 42 -1.24 -17.59 -7.93
CA ALA A 42 -0.79 -18.98 -8.08
C ALA A 42 -1.29 -19.83 -6.92
N GLU A 43 -1.40 -21.13 -7.20
CA GLU A 43 -1.59 -22.15 -6.17
C GLU A 43 -0.24 -22.66 -5.73
N ALA A 44 -0.06 -22.83 -4.42
CA ALA A 44 1.16 -23.38 -3.85
C ALA A 44 0.82 -24.63 -3.06
N PHE A 45 1.62 -25.68 -3.19
CA PHE A 45 1.38 -26.91 -2.45
C PHE A 45 2.48 -27.11 -1.41
N GLY A 46 2.07 -27.21 -0.15
CA GLY A 46 3.04 -27.41 0.91
C GLY A 46 3.83 -26.20 1.31
N MET A 47 3.28 -24.99 1.16
CA MET A 47 3.93 -23.81 1.73
C MET A 47 4.22 -24.04 3.22
N ASP A 48 3.28 -24.68 3.92
CA ASP A 48 3.49 -25.19 5.26
C ASP A 48 4.15 -26.56 5.12
N PRO A 49 5.44 -26.70 5.47
CA PRO A 49 6.10 -28.00 5.28
C PRO A 49 5.52 -29.11 6.13
N ALA A 50 4.69 -28.79 7.12
CA ALA A 50 4.00 -29.81 7.90
C ALA A 50 2.78 -30.36 7.18
N ARG A 51 2.28 -29.66 6.16
CA ARG A 51 1.15 -30.08 5.34
C ARG A 51 1.61 -30.02 3.89
N PRO A 52 2.38 -31.02 3.44
CA PRO A 52 3.06 -30.89 2.13
C PRO A 52 2.14 -30.91 0.93
N ASP A 53 0.93 -31.48 1.03
CA ASP A 53 0.02 -31.51 -0.10
C ASP A 53 -1.11 -30.50 0.01
N GLN A 54 -1.05 -29.60 0.99
CA GLN A 54 -2.13 -28.64 1.22
C GLN A 54 -1.99 -27.48 0.24
N ALA A 55 -3.09 -27.14 -0.41
CA ALA A 55 -3.11 -26.02 -1.35
C ALA A 55 -3.33 -24.71 -0.62
N SER A 56 -2.62 -23.67 -1.07
CA SER A 56 -2.85 -22.30 -0.63
C SER A 56 -2.74 -21.40 -1.85
N THR A 57 -3.33 -20.21 -1.76
CA THR A 57 -3.24 -19.25 -2.85
C THR A 57 -2.22 -18.18 -2.49
N VAL A 58 -1.32 -17.86 -3.42
CA VAL A 58 -0.22 -16.94 -3.19
C VAL A 58 -0.11 -15.99 -4.38
N ALA A 59 0.67 -14.92 -4.20
CA ALA A 59 1.00 -14.02 -5.28
C ALA A 59 2.48 -14.19 -5.64
N VAL A 60 2.78 -14.25 -6.93
CA VAL A 60 4.15 -14.50 -7.38
C VAL A 60 4.61 -13.31 -8.18
N LYS A 61 5.65 -12.62 -7.68
CA LYS A 61 6.27 -11.53 -8.39
C LYS A 61 7.40 -12.07 -9.26
N MET A 62 7.45 -11.61 -10.50
CA MET A 62 8.46 -12.09 -11.41
C MET A 62 8.83 -10.96 -12.36
N LEU A 63 9.84 -11.22 -13.17
CA LEU A 63 10.28 -10.26 -14.17
C LEU A 63 9.38 -10.32 -15.40
N LYS A 64 9.20 -9.16 -16.04
CA LYS A 64 8.47 -9.09 -17.30
C LYS A 64 9.32 -9.71 -18.41
N ASP A 65 8.74 -9.76 -19.61
CA ASP A 65 9.49 -10.25 -20.77
C ASP A 65 10.60 -9.30 -21.20
N ASN A 66 10.53 -8.02 -20.79
CA ASN A 66 11.60 -7.09 -21.10
C ASN A 66 12.94 -7.59 -20.55
N ALA A 67 13.01 -7.75 -19.23
CA ALA A 67 14.14 -8.39 -18.54
C ALA A 67 15.45 -7.64 -18.82
N SER A 68 15.55 -6.44 -18.23
CA SER A 68 16.82 -5.75 -18.22
C SER A 68 17.58 -6.07 -16.94
N ASP A 69 18.89 -5.88 -16.98
CA ASP A 69 19.71 -6.15 -15.79
C ASP A 69 19.28 -5.26 -14.63
N LYS A 70 18.85 -4.03 -14.89
CA LYS A 70 18.35 -3.17 -13.83
C LYS A 70 17.04 -3.71 -13.25
N ASP A 71 16.17 -4.25 -14.10
CA ASP A 71 14.93 -4.84 -13.61
C ASP A 71 15.21 -6.00 -12.66
N LEU A 72 16.17 -6.86 -13.03
CA LEU A 72 16.50 -8.00 -12.18
C LEU A 72 17.10 -7.52 -10.86
N ALA A 73 18.02 -6.56 -10.93
CA ALA A 73 18.58 -6.02 -9.69
C ALA A 73 17.50 -5.46 -8.78
N ASP A 74 16.51 -4.79 -9.36
CA ASP A 74 15.43 -4.22 -8.55
C ASP A 74 14.58 -5.30 -7.90
N LEU A 75 14.30 -6.40 -8.62
CA LEU A 75 13.54 -7.47 -8.00
C LEU A 75 14.34 -8.19 -6.94
N VAL A 76 15.63 -8.43 -7.20
CA VAL A 76 16.51 -9.02 -6.20
C VAL A 76 16.60 -8.14 -4.97
N SER A 77 16.67 -6.82 -5.19
CA SER A 77 16.70 -5.89 -4.05
C SER A 77 15.41 -5.97 -3.26
N GLU A 78 14.27 -6.03 -3.95
CA GLU A 78 13.00 -6.19 -3.25
C GLU A 78 12.98 -7.47 -2.44
N MET A 79 13.49 -8.57 -3.03
CA MET A 79 13.49 -9.83 -2.32
C MET A 79 14.30 -9.74 -1.03
N GLU A 80 15.43 -9.03 -1.08
CA GLU A 80 16.27 -8.96 0.11
C GLU A 80 15.64 -8.09 1.18
N VAL A 81 14.94 -7.02 0.80
CA VAL A 81 14.17 -6.26 1.78
C VAL A 81 13.08 -7.14 2.38
N MET A 82 12.44 -7.97 1.54
CA MET A 82 11.41 -8.89 2.01
C MET A 82 11.94 -9.80 3.11
N LYS A 83 13.18 -10.29 2.95
CA LYS A 83 13.69 -11.27 3.90
C LYS A 83 13.92 -10.65 5.28
N LEU A 84 14.37 -9.40 5.32
CA LEU A 84 14.75 -8.80 6.60
C LEU A 84 13.62 -8.03 7.27
N ILE A 85 12.48 -7.87 6.62
CA ILE A 85 11.45 -7.01 7.20
C ILE A 85 10.72 -7.71 8.34
N GLY A 86 10.68 -9.04 8.35
CA GLY A 86 9.94 -9.77 9.35
C GLY A 86 8.46 -9.76 9.07
N ARG A 87 7.71 -10.48 9.91
CA ARG A 87 6.30 -10.72 9.69
C ARG A 87 5.47 -9.73 10.49
N HIS A 88 4.42 -9.19 9.85
CA HIS A 88 3.43 -8.40 10.56
C HIS A 88 2.07 -8.62 9.92
N LYS A 89 1.02 -8.51 10.72
CA LYS A 89 -0.32 -8.77 10.22
C LYS A 89 -0.73 -7.78 9.14
N ASN A 90 -0.21 -6.55 9.18
CA ASN A 90 -0.71 -5.50 8.32
C ASN A 90 0.26 -5.15 7.21
N ILE A 91 1.11 -6.10 6.79
CA ILE A 91 1.90 -5.95 5.59
C ILE A 91 1.79 -7.23 4.76
N ILE A 92 2.08 -7.11 3.47
CA ILE A 92 2.18 -8.30 2.62
C ILE A 92 3.49 -8.99 2.94
N ASN A 93 3.41 -10.22 3.44
CA ASN A 93 4.57 -10.93 3.96
C ASN A 93 5.19 -11.84 2.93
N LEU A 94 6.50 -11.93 2.96
CA LEU A 94 7.23 -12.90 2.13
C LEU A 94 6.90 -14.33 2.56
N LEU A 95 6.65 -15.19 1.58
CA LEU A 95 6.41 -16.60 1.84
C LEU A 95 7.56 -17.49 1.37
N GLY A 96 8.19 -17.14 0.26
CA GLY A 96 9.30 -17.92 -0.24
C GLY A 96 9.81 -17.32 -1.52
N VAL A 97 10.82 -17.96 -2.08
CA VAL A 97 11.43 -17.50 -3.31
C VAL A 97 11.84 -18.73 -4.12
N CYS A 98 11.87 -18.57 -5.44
CA CYS A 98 12.45 -19.55 -6.34
C CYS A 98 13.60 -18.86 -7.06
N THR A 99 14.83 -19.31 -6.79
CA THR A 99 16.02 -18.71 -7.37
C THR A 99 16.88 -19.69 -8.14
N GLN A 100 16.56 -20.98 -8.11
CA GLN A 100 17.44 -21.99 -8.70
C GLN A 100 16.77 -22.64 -9.89
N GLU A 101 17.56 -22.89 -10.93
CA GLU A 101 17.14 -23.63 -12.12
C GLU A 101 15.81 -23.11 -12.67
N GLY A 102 15.75 -21.80 -12.88
CA GLY A 102 14.58 -21.19 -13.46
C GLY A 102 14.46 -19.71 -13.16
N PRO A 103 13.38 -19.10 -13.64
CA PRO A 103 13.22 -17.66 -13.47
C PRO A 103 13.02 -17.29 -12.00
N LEU A 104 13.39 -16.05 -11.67
CA LEU A 104 13.32 -15.58 -10.30
C LEU A 104 11.88 -15.29 -9.91
N TYR A 105 11.38 -16.00 -8.89
CA TYR A 105 10.07 -15.76 -8.30
C TYR A 105 10.22 -15.26 -6.87
N VAL A 106 9.44 -14.24 -6.54
CA VAL A 106 9.29 -13.80 -5.15
C VAL A 106 7.84 -14.06 -4.76
N ILE A 107 7.62 -15.01 -3.85
CA ILE A 107 6.28 -15.48 -3.49
C ILE A 107 5.84 -14.77 -2.22
N VAL A 108 4.71 -14.07 -2.30
CA VAL A 108 4.18 -13.29 -1.19
C VAL A 108 2.72 -13.67 -0.96
N GLU A 109 2.16 -13.16 0.14
CA GLU A 109 0.76 -13.36 0.44
C GLU A 109 -0.12 -12.76 -0.66
N CYS A 110 -1.26 -13.40 -0.90
CA CYS A 110 -2.27 -12.90 -1.82
C CYS A 110 -3.42 -12.29 -1.03
N ALA A 111 -3.93 -11.17 -1.51
CA ALA A 111 -5.04 -10.48 -0.85
C ALA A 111 -6.27 -10.54 -1.73
N ALA A 112 -7.27 -11.33 -1.29
CA ALA A 112 -8.36 -11.74 -2.16
C ALA A 112 -9.24 -10.58 -2.64
N LYS A 113 -9.30 -9.47 -1.90
CA LYS A 113 -10.23 -8.40 -2.27
C LYS A 113 -9.58 -7.27 -3.06
N GLY A 114 -8.30 -7.38 -3.44
CA GLY A 114 -7.68 -6.34 -4.24
C GLY A 114 -7.17 -5.17 -3.42
N ASN A 115 -6.84 -4.07 -4.10
CA ASN A 115 -6.30 -2.94 -3.35
C ASN A 115 -7.42 -2.12 -2.69
N LEU A 116 -7.02 -1.30 -1.73
CA LEU A 116 -7.99 -0.62 -0.89
C LEU A 116 -8.80 0.42 -1.67
N ARG A 117 -8.20 1.05 -2.67
CA ARG A 117 -8.96 2.02 -3.46
C ARG A 117 -10.09 1.32 -4.20
N GLU A 118 -9.79 0.21 -4.89
CA GLU A 118 -10.84 -0.50 -5.60
C GLU A 118 -11.87 -1.09 -4.64
N PHE A 119 -11.41 -1.53 -3.46
CA PHE A 119 -12.32 -2.08 -2.45
C PHE A 119 -13.35 -1.03 -2.04
N LEU A 120 -12.89 0.18 -1.78
CA LEU A 120 -13.80 1.26 -1.36
C LEU A 120 -14.70 1.69 -2.50
N ARG A 121 -14.14 1.89 -3.70
CA ARG A 121 -14.95 2.40 -4.80
C ARG A 121 -16.05 1.42 -5.19
N ALA A 122 -15.83 0.11 -5.01
CA ALA A 122 -16.83 -0.89 -5.35
C ALA A 122 -17.91 -1.01 -4.28
N ARG A 123 -17.70 -0.35 -3.15
CA ARG A 123 -18.57 -0.51 -2.00
C ARG A 123 -19.20 0.81 -1.59
N ARG A 124 -19.32 1.75 -2.51
CA ARG A 124 -19.95 3.02 -2.20
C ARG A 124 -21.45 2.82 -2.01
N PRO A 125 -22.09 3.61 -1.16
CA PRO A 125 -23.50 3.38 -0.87
C PRO A 125 -24.34 3.56 -2.12
N PRO A 126 -25.52 2.90 -2.17
CA PRO A 126 -26.40 2.94 -3.34
C PRO A 126 -26.91 4.33 -3.70
N PRO A 132 -35.23 0.60 -3.12
CA PRO A 132 -36.27 0.39 -2.10
C PRO A 132 -36.76 -1.05 -2.08
N ASP A 133 -35.83 -2.01 -2.00
CA ASP A 133 -36.14 -3.43 -1.96
C ASP A 133 -35.67 -3.98 -0.62
N GLY A 134 -36.61 -4.31 0.25
CA GLY A 134 -36.27 -4.83 1.56
C GLY A 134 -35.99 -3.73 2.56
N PRO A 135 -35.66 -4.11 3.79
CA PRO A 135 -35.55 -3.14 4.89
C PRO A 135 -34.22 -2.42 4.99
N ARG A 136 -33.28 -2.68 4.08
CA ARG A 136 -31.93 -2.14 4.18
C ARG A 136 -31.57 -1.29 2.96
N SER A 137 -32.56 -0.61 2.38
CA SER A 137 -32.34 0.06 1.10
C SER A 137 -31.25 1.12 1.19
N SER A 138 -31.20 1.87 2.31
CA SER A 138 -30.21 2.92 2.45
C SER A 138 -28.85 2.42 2.92
N GLU A 139 -28.73 1.17 3.32
CA GLU A 139 -27.52 0.67 3.97
C GLU A 139 -26.53 0.18 2.93
N GLY A 140 -25.39 0.87 2.82
CA GLY A 140 -24.29 0.41 2.00
C GLY A 140 -23.39 -0.54 2.75
N PRO A 141 -22.43 -1.16 2.05
CA PRO A 141 -21.53 -2.11 2.74
C PRO A 141 -20.59 -1.46 3.72
N LEU A 142 -20.28 -0.18 3.58
CA LEU A 142 -19.24 0.47 4.37
C LEU A 142 -19.86 1.31 5.48
N SER A 143 -19.41 1.06 6.69
CA SER A 143 -19.80 1.82 7.88
C SER A 143 -18.61 2.59 8.42
N PHE A 144 -18.88 3.63 9.20
CA PHE A 144 -17.80 4.48 9.71
C PHE A 144 -16.79 3.70 10.53
N PRO A 145 -17.18 2.82 11.47
CA PRO A 145 -16.14 2.14 12.24
C PRO A 145 -15.25 1.25 11.41
N VAL A 146 -15.77 0.65 10.35
CA VAL A 146 -14.92 -0.18 9.51
C VAL A 146 -13.92 0.67 8.73
N LEU A 147 -14.34 1.85 8.26
CA LEU A 147 -13.42 2.79 7.62
C LEU A 147 -12.32 3.21 8.59
N VAL A 148 -12.69 3.50 9.84
CA VAL A 148 -11.69 3.84 10.85
C VAL A 148 -10.76 2.66 11.11
N SER A 149 -11.30 1.44 11.10
CA SER A 149 -10.44 0.27 11.28
C SER A 149 -9.44 0.14 10.13
N CYS A 150 -9.87 0.41 8.90
CA CYS A 150 -8.92 0.37 7.79
C CYS A 150 -7.78 1.36 8.00
N ALA A 151 -8.10 2.58 8.43
CA ALA A 151 -7.05 3.56 8.67
C ALA A 151 -6.13 3.11 9.80
N TYR A 152 -6.72 2.62 10.88
CA TYR A 152 -5.93 2.14 12.02
C TYR A 152 -4.98 1.03 11.61
N GLN A 153 -5.46 0.06 10.82
CA GLN A 153 -4.61 -1.05 10.42
C GLN A 153 -3.46 -0.58 9.53
N VAL A 154 -3.71 0.38 8.64
CA VAL A 154 -2.63 0.90 7.81
C VAL A 154 -1.60 1.60 8.68
N ALA A 155 -2.05 2.37 9.68
CA ALA A 155 -1.12 3.03 10.58
C ALA A 155 -0.27 2.03 11.34
N ARG A 156 -0.87 0.94 11.82
CA ARG A 156 -0.11 -0.09 12.54
C ARG A 156 0.93 -0.75 11.63
N GLY A 157 0.54 -1.08 10.40
CA GLY A 157 1.51 -1.63 9.46
C GLY A 157 2.64 -0.66 9.15
N MET A 158 2.30 0.62 8.94
CA MET A 158 3.30 1.64 8.70
C MET A 158 4.22 1.81 9.91
N GLN A 159 3.64 1.79 11.12
CA GLN A 159 4.44 1.86 12.34
C GLN A 159 5.42 0.71 12.40
N TYR A 160 4.98 -0.50 12.03
CA TYR A 160 5.89 -1.64 11.97
C TYR A 160 6.97 -1.40 10.95
N LEU A 161 6.58 -0.97 9.74
CA LEU A 161 7.58 -0.75 8.70
C LEU A 161 8.58 0.31 9.12
N GLU A 162 8.12 1.38 9.77
CA GLU A 162 9.03 2.43 10.19
C GLU A 162 10.03 1.92 11.22
N SER A 163 9.58 1.09 12.16
CA SER A 163 10.48 0.55 13.17
C SER A 163 11.51 -0.40 12.56
N ARG A 164 11.21 -0.97 11.39
CA ARG A 164 12.12 -1.80 10.63
C ARG A 164 13.04 -0.95 9.75
N LYS A 165 12.97 0.37 9.91
CA LYS A 165 13.70 1.32 9.08
C LYS A 165 13.35 1.17 7.60
N CYS A 166 12.07 0.97 7.33
CA CYS A 166 11.51 0.91 5.98
C CYS A 166 10.68 2.16 5.72
N ILE A 167 11.13 2.99 4.77
CA ILE A 167 10.32 4.07 4.23
C ILE A 167 9.62 3.55 2.98
N HIS A 168 8.32 3.80 2.88
CA HIS A 168 7.56 3.29 1.73
C HIS A 168 7.87 4.09 0.46
N ARG A 169 7.67 5.40 0.52
CA ARG A 169 7.92 6.40 -0.51
C ARG A 169 6.78 6.50 -1.53
N ASP A 170 5.79 5.61 -1.54
CA ASP A 170 4.60 5.85 -2.35
C ASP A 170 3.41 5.24 -1.64
N LEU A 171 3.21 5.59 -0.37
CA LEU A 171 2.06 5.07 0.37
C LEU A 171 0.77 5.70 -0.17
N ALA A 172 -0.17 4.83 -0.53
CA ALA A 172 -1.40 5.25 -1.21
C ALA A 172 -2.36 4.09 -1.08
N ALA A 173 -3.66 4.39 -1.22
CA ALA A 173 -4.65 3.31 -1.07
C ALA A 173 -4.46 2.21 -2.12
N ARG A 174 -3.97 2.56 -3.31
CA ARG A 174 -3.63 1.58 -4.34
C ARG A 174 -2.57 0.59 -3.87
N ASN A 175 -1.75 0.97 -2.89
CA ASN A 175 -0.67 0.13 -2.38
C ASN A 175 -0.98 -0.49 -1.03
N VAL A 176 -2.24 -0.49 -0.65
CA VAL A 176 -2.71 -1.27 0.49
C VAL A 176 -3.67 -2.32 -0.07
N LEU A 177 -3.46 -3.59 0.31
CA LEU A 177 -4.28 -4.67 -0.20
C LEU A 177 -5.22 -5.17 0.91
N VAL A 178 -6.33 -5.79 0.51
CA VAL A 178 -7.40 -6.15 1.43
C VAL A 178 -7.60 -7.65 1.37
N THR A 179 -7.49 -8.32 2.53
CA THR A 179 -7.67 -9.77 2.54
C THR A 179 -9.15 -10.15 2.58
N GLU A 180 -9.42 -11.46 2.46
CA GLU A 180 -10.80 -11.93 2.55
C GLU A 180 -11.46 -11.58 3.87
N ASP A 181 -10.68 -11.35 4.92
CA ASP A 181 -11.21 -10.98 6.23
C ASP A 181 -11.09 -9.48 6.49
N ASN A 182 -10.96 -8.68 5.42
CA ASN A 182 -10.87 -7.23 5.50
C ASN A 182 -9.69 -6.76 6.36
N VAL A 183 -8.62 -7.54 6.37
CA VAL A 183 -7.35 -7.10 6.95
C VAL A 183 -6.59 -6.25 5.93
N MET A 184 -6.09 -5.11 6.38
CA MET A 184 -5.33 -4.22 5.50
C MET A 184 -3.89 -4.71 5.48
N LYS A 185 -3.29 -4.81 4.30
CA LYS A 185 -1.88 -5.19 4.19
C LYS A 185 -1.14 -4.23 3.27
N ILE A 186 -0.14 -3.55 3.82
CA ILE A 186 0.68 -2.64 3.02
C ILE A 186 1.52 -3.46 2.04
N ALA A 187 1.52 -3.03 0.78
CA ALA A 187 2.22 -3.73 -0.30
C ALA A 187 3.26 -2.82 -0.91
N ASP A 188 4.26 -3.44 -1.52
CA ASP A 188 5.22 -2.72 -2.35
C ASP A 188 5.98 -1.67 -1.54
N PHE A 189 6.38 -2.04 -0.33
CA PHE A 189 7.07 -1.12 0.56
C PHE A 189 8.58 -1.13 0.41
N GLY A 190 9.18 -2.20 -0.09
CA GLY A 190 10.63 -2.22 -0.18
C GLY A 190 11.16 -2.11 -1.60
N LEU A 191 10.76 -1.06 -2.32
CA LEU A 191 10.95 -1.01 -3.76
C LEU A 191 11.87 0.12 -4.17
N ALA A 192 12.70 -0.15 -5.17
CA ALA A 192 13.43 0.91 -5.86
C ALA A 192 12.46 1.76 -6.65
N ARG A 193 12.38 3.04 -6.33
CA ARG A 193 11.30 3.91 -6.77
C ARG A 193 11.73 4.94 -7.81
N GLY A 194 13.00 4.92 -8.25
CA GLY A 194 13.46 5.88 -9.25
C GLY A 194 13.36 7.32 -8.79
N VAL A 195 13.88 7.56 -7.58
CA VAL A 195 13.62 8.80 -6.86
C VAL A 195 14.21 10.01 -7.57
N HIS A 196 15.31 9.85 -8.29
CA HIS A 196 15.98 10.97 -8.93
C HIS A 196 15.55 11.18 -10.38
N HIS A 197 14.52 10.46 -10.84
CA HIS A 197 13.99 10.68 -12.17
C HIS A 197 12.49 10.39 -12.20
N ILE A 198 11.73 11.11 -11.37
CA ILE A 198 10.28 10.94 -11.35
C ILE A 198 9.68 11.84 -12.42
N ASP A 199 8.88 11.28 -13.32
CA ASP A 199 8.08 12.13 -14.21
C ASP A 199 6.86 12.61 -13.43
N TYR A 200 6.90 13.86 -12.92
CA TYR A 200 5.84 14.35 -12.05
C TYR A 200 4.49 14.44 -12.77
N TYR A 201 4.51 14.56 -14.09
CA TYR A 201 3.29 14.63 -14.89
C TYR A 201 2.80 13.26 -15.30
N LYS A 202 3.52 12.19 -14.91
CA LYS A 202 3.19 10.84 -15.32
C LYS A 202 1.86 10.40 -14.71
N LYS A 203 0.97 9.93 -15.57
CA LYS A 203 -0.31 9.36 -15.19
C LYS A 203 -0.28 7.87 -15.49
N THR A 204 -0.68 7.06 -14.51
CA THR A 204 -0.72 5.63 -14.74
C THR A 204 -1.85 5.26 -15.70
N SER A 205 -1.89 3.99 -16.08
CA SER A 205 -2.93 3.52 -16.98
C SER A 205 -4.33 3.57 -16.34
N ASN A 206 -4.41 3.68 -15.01
CA ASN A 206 -5.69 3.83 -14.33
C ASN A 206 -5.96 5.27 -13.92
N GLY A 207 -5.19 6.22 -14.45
CA GLY A 207 -5.44 7.62 -14.24
C GLY A 207 -4.79 8.22 -13.01
N ARG A 208 -3.93 7.49 -12.30
CA ARG A 208 -3.35 7.98 -11.05
C ARG A 208 -2.18 8.91 -11.34
N LEU A 209 -2.13 10.03 -10.60
CA LEU A 209 -1.00 10.97 -10.64
C LEU A 209 -0.24 10.82 -9.34
N PRO A 210 0.77 9.94 -9.27
CA PRO A 210 1.41 9.64 -7.98
C PRO A 210 2.06 10.84 -7.31
N VAL A 211 2.39 11.90 -8.05
CA VAL A 211 2.93 13.10 -7.42
C VAL A 211 2.00 13.65 -6.33
N LYS A 212 0.68 13.39 -6.42
CA LYS A 212 -0.28 13.92 -5.45
C LYS A 212 -0.21 13.25 -4.08
N TRP A 213 0.62 12.21 -3.90
CA TRP A 213 0.86 11.63 -2.59
C TRP A 213 2.20 12.06 -2.00
N MET A 214 3.03 12.80 -2.74
CA MET A 214 4.37 13.14 -2.28
C MET A 214 4.36 14.28 -1.28
N ALA A 215 5.13 14.11 -0.21
CA ALA A 215 5.32 15.18 0.74
C ALA A 215 6.07 16.32 0.06
N PRO A 216 5.88 17.56 0.51
CA PRO A 216 6.60 18.68 -0.13
C PRO A 216 8.11 18.51 -0.09
N GLU A 217 8.67 17.99 1.01
CA GLU A 217 10.12 17.80 1.03
C GLU A 217 10.56 16.71 0.05
N ALA A 218 9.70 15.72 -0.19
CA ALA A 218 10.00 14.72 -1.21
C ALA A 218 9.87 15.31 -2.61
N LEU A 219 8.76 15.98 -2.89
CA LEU A 219 8.56 16.60 -4.19
C LEU A 219 9.65 17.63 -4.49
N PHE A 220 9.85 18.60 -3.59
CA PHE A 220 10.71 19.73 -3.94
C PHE A 220 12.19 19.47 -3.66
N ASP A 221 12.50 18.64 -2.65
CA ASP A 221 13.89 18.47 -2.23
C ASP A 221 14.42 17.06 -2.37
N GLU A 222 13.61 16.11 -2.86
CA GLU A 222 13.98 14.69 -2.99
C GLU A 222 14.39 14.08 -1.66
N VAL A 223 13.80 14.57 -0.57
CA VAL A 223 14.10 14.12 0.79
C VAL A 223 12.96 13.22 1.24
N TYR A 224 13.31 12.04 1.75
CA TYR A 224 12.34 11.03 2.16
C TYR A 224 12.67 10.58 3.58
N THR A 225 11.68 10.65 4.46
CA THR A 225 11.79 10.18 5.85
C THR A 225 10.49 9.49 6.20
N HIS A 226 10.43 8.94 7.42
CA HIS A 226 9.15 8.42 7.89
C HIS A 226 8.11 9.53 7.99
N GLN A 227 8.53 10.76 8.17
CA GLN A 227 7.54 11.83 8.20
C GLN A 227 7.01 12.17 6.82
N SER A 228 7.78 11.92 5.75
CA SER A 228 7.18 12.09 4.43
C SER A 228 6.17 10.98 4.17
N ASP A 229 6.38 9.79 4.74
CA ASP A 229 5.34 8.76 4.69
C ASP A 229 4.10 9.17 5.49
N VAL A 230 4.29 9.91 6.59
CA VAL A 230 3.14 10.40 7.35
C VAL A 230 2.30 11.35 6.49
N TRP A 231 2.96 12.23 5.73
CA TRP A 231 2.23 13.05 4.78
C TRP A 231 1.37 12.19 3.87
N SER A 232 1.99 11.20 3.23
CA SER A 232 1.26 10.31 2.33
C SER A 232 0.12 9.61 3.05
N PHE A 233 0.35 9.21 4.31
CA PHE A 233 -0.74 8.59 5.08
C PHE A 233 -1.92 9.52 5.22
N GLY A 234 -1.65 10.82 5.37
CA GLY A 234 -2.72 11.81 5.37
C GLY A 234 -3.54 11.80 4.09
N ILE A 235 -2.86 11.73 2.94
CA ILE A 235 -3.60 11.63 1.68
C ILE A 235 -4.41 10.34 1.64
N LEU A 236 -3.80 9.23 2.09
CA LEU A 236 -4.53 7.96 2.14
C LEU A 236 -5.77 8.06 3.05
N LEU A 237 -5.66 8.80 4.16
CA LEU A 237 -6.81 9.00 5.04
C LEU A 237 -7.93 9.68 4.28
N TRP A 238 -7.59 10.70 3.50
CA TRP A 238 -8.57 11.34 2.63
C TRP A 238 -9.18 10.37 1.62
N GLU A 239 -8.35 9.50 1.00
CA GLU A 239 -8.89 8.48 0.11
C GLU A 239 -9.92 7.62 0.84
N ILE A 240 -9.59 7.19 2.05
CA ILE A 240 -10.50 6.33 2.80
C ILE A 240 -11.84 7.02 3.00
N PHE A 241 -11.82 8.25 3.49
CA PHE A 241 -13.08 8.86 3.87
C PHE A 241 -13.80 9.54 2.72
N THR A 242 -13.21 9.53 1.52
CA THR A 242 -13.96 9.78 0.30
C THR A 242 -14.37 8.48 -0.39
N LEU A 243 -14.15 7.33 0.25
CA LEU A 243 -14.47 6.01 -0.30
C LEU A 243 -13.77 5.81 -1.64
N GLY A 244 -12.49 6.14 -1.68
CA GLY A 244 -11.70 5.88 -2.87
C GLY A 244 -11.64 7.03 -3.84
N GLY A 245 -11.86 8.26 -3.38
CA GLY A 245 -11.72 9.40 -4.28
C GLY A 245 -10.28 9.69 -4.65
N SER A 246 -10.11 10.38 -5.80
CA SER A 246 -8.76 10.79 -6.21
C SER A 246 -8.39 12.12 -5.57
N PRO A 247 -7.20 12.26 -5.00
CA PRO A 247 -6.86 13.48 -4.26
C PRO A 247 -6.68 14.69 -5.18
N TYR A 248 -6.74 15.86 -4.55
CA TYR A 248 -6.66 17.17 -5.21
C TYR A 248 -7.55 17.17 -6.44
N PRO A 249 -8.86 16.96 -6.29
CA PRO A 249 -9.71 16.68 -7.44
C PRO A 249 -9.70 17.84 -8.42
N GLY A 250 -9.34 17.53 -9.66
CA GLY A 250 -9.34 18.49 -10.74
C GLY A 250 -8.15 19.43 -10.78
N ILE A 251 -7.17 19.24 -9.90
CA ILE A 251 -5.97 20.05 -9.89
C ILE A 251 -4.98 19.41 -10.85
N PRO A 252 -4.67 20.04 -11.98
CA PRO A 252 -3.57 19.54 -12.82
C PRO A 252 -2.24 19.61 -12.07
N VAL A 253 -1.27 18.86 -12.57
CA VAL A 253 0.02 18.81 -11.89
C VAL A 253 0.66 20.20 -11.85
N GLU A 254 0.53 20.97 -12.94
CA GLU A 254 1.12 22.31 -12.96
C GLU A 254 0.52 23.17 -11.85
N GLU A 255 -0.79 23.05 -11.65
CA GLU A 255 -1.46 23.80 -10.58
C GLU A 255 -1.14 23.25 -9.19
N LEU A 256 -0.95 21.94 -9.06
CA LEU A 256 -0.55 21.37 -7.78
C LEU A 256 0.77 21.95 -7.30
N PHE A 257 1.76 22.09 -8.20
CA PHE A 257 3.02 22.70 -7.80
C PHE A 257 2.77 24.03 -7.12
N SER A 258 1.95 24.87 -7.75
CA SER A 258 1.82 26.24 -7.25
C SER A 258 1.03 26.25 -5.94
N LEU A 259 -0.04 25.48 -5.85
CA LEU A 259 -0.81 25.48 -4.61
C LEU A 259 0.00 24.93 -3.45
N LEU A 260 0.80 23.88 -3.69
CA LEU A 260 1.68 23.41 -2.62
C LEU A 260 2.67 24.50 -2.20
N ARG A 261 3.15 25.30 -3.15
CA ARG A 261 4.05 26.38 -2.79
C ARG A 261 3.33 27.42 -1.93
N GLU A 262 2.02 27.58 -2.12
CA GLU A 262 1.20 28.54 -1.39
C GLU A 262 0.64 27.97 -0.09
N GLY A 263 0.90 26.70 0.21
CA GLY A 263 0.42 26.10 1.44
C GLY A 263 -1.00 25.56 1.38
N HIS A 264 -1.57 25.41 0.19
CA HIS A 264 -2.94 24.94 0.07
C HIS A 264 -3.05 23.48 0.52
N ARG A 265 -4.24 23.14 1.02
CA ARG A 265 -4.56 21.76 1.38
C ARG A 265 -5.97 21.40 0.86
N MET A 266 -6.22 20.10 0.68
CA MET A 266 -7.56 19.62 0.38
C MET A 266 -8.56 20.05 1.43
N ASP A 267 -9.80 20.22 0.98
CA ASP A 267 -10.94 20.53 1.85
C ASP A 267 -11.34 19.31 2.65
N ARG A 268 -12.09 19.57 3.69
CA ARG A 268 -12.71 18.51 4.45
C ARG A 268 -13.73 17.78 3.58
N PRO A 269 -13.62 16.47 3.36
CA PRO A 269 -14.56 15.78 2.49
C PRO A 269 -15.93 15.64 3.15
N PRO A 270 -16.99 15.49 2.36
CA PRO A 270 -18.33 15.36 2.95
C PRO A 270 -18.45 14.12 3.82
N HIS A 271 -19.31 14.21 4.84
CA HIS A 271 -19.57 13.10 5.76
C HIS A 271 -18.26 12.56 6.34
N CYS A 272 -17.41 13.48 6.76
CA CYS A 272 -16.14 13.13 7.42
C CYS A 272 -16.08 13.89 8.73
N PRO A 273 -16.01 13.20 9.88
CA PRO A 273 -16.02 13.91 11.15
C PRO A 273 -14.78 14.76 11.32
N PRO A 274 -14.86 15.84 12.10
CA PRO A 274 -13.71 16.74 12.23
C PRO A 274 -12.51 16.10 12.90
N GLU A 275 -12.73 15.07 13.73
CA GLU A 275 -11.62 14.27 14.25
C GLU A 275 -10.74 13.77 13.12
N LEU A 276 -11.35 13.29 12.05
CA LEU A 276 -10.57 12.65 11.00
C LEU A 276 -9.96 13.68 10.06
N TYR A 277 -10.69 14.76 9.76
CA TYR A 277 -10.06 15.80 8.95
C TYR A 277 -8.95 16.49 9.73
N GLY A 278 -9.13 16.63 11.05
CA GLY A 278 -8.07 17.17 11.88
C GLY A 278 -6.80 16.35 11.78
N LEU A 279 -6.93 15.03 11.82
CA LEU A 279 -5.76 14.17 11.69
C LEU A 279 -5.11 14.36 10.34
N MET A 280 -5.92 14.51 9.29
CA MET A 280 -5.35 14.71 7.95
C MET A 280 -4.54 15.99 7.93
N ARG A 281 -5.08 17.06 8.50
CA ARG A 281 -4.38 18.33 8.44
C ARG A 281 -3.09 18.30 9.24
N GLU A 282 -3.07 17.57 10.36
CA GLU A 282 -1.83 17.35 11.08
C GLU A 282 -0.81 16.62 10.22
N CYS A 283 -1.29 15.67 9.42
CA CYS A 283 -0.41 14.86 8.61
C CYS A 283 0.23 15.72 7.54
N TRP A 284 -0.39 16.86 7.20
CA TRP A 284 0.04 17.75 6.14
C TRP A 284 0.66 19.04 6.67
N HIS A 285 1.07 19.06 7.93
CA HIS A 285 1.77 20.24 8.41
C HIS A 285 3.04 20.43 7.59
N ALA A 286 3.40 21.69 7.30
CA ALA A 286 4.54 21.94 6.43
C ALA A 286 5.80 21.31 7.01
N ALA A 287 6.06 21.52 8.29
CA ALA A 287 7.28 21.04 8.92
C ALA A 287 7.13 19.58 9.30
N PRO A 288 8.00 18.68 8.79
CA PRO A 288 7.86 17.25 9.11
C PRO A 288 7.87 16.96 10.60
N SER A 289 8.55 17.79 11.38
CA SER A 289 8.55 17.65 12.83
C SER A 289 7.19 18.00 13.47
N GLN A 290 6.34 18.74 12.75
CA GLN A 290 5.02 19.09 13.29
C GLN A 290 3.93 18.10 12.88
N ARG A 291 4.26 17.09 12.10
CA ARG A 291 3.36 16.00 11.79
C ARG A 291 3.42 14.94 12.89
N PRO A 292 2.33 14.22 13.11
CA PRO A 292 2.34 13.09 14.05
C PRO A 292 3.32 12.01 13.60
N THR A 293 3.76 11.19 14.55
CA THR A 293 4.45 9.96 14.17
C THR A 293 3.40 8.89 13.89
N PHE A 294 3.83 7.80 13.24
CA PHE A 294 2.90 6.71 13.06
C PHE A 294 2.44 6.16 14.40
N LYS A 295 3.34 6.14 15.39
CA LYS A 295 2.93 5.68 16.73
C LYS A 295 1.82 6.55 17.29
N GLN A 296 1.90 7.87 17.08
CA GLN A 296 0.85 8.77 17.53
C GLN A 296 -0.42 8.61 16.70
N LEU A 297 -0.28 8.29 15.41
CA LEU A 297 -1.48 8.07 14.59
C LEU A 297 -2.20 6.80 15.02
N VAL A 298 -1.45 5.75 15.37
CA VAL A 298 -2.07 4.51 15.84
C VAL A 298 -2.89 4.77 17.09
N GLU A 299 -2.31 5.49 18.04
CA GLU A 299 -3.01 5.83 19.29
C GLU A 299 -4.23 6.69 19.02
N ALA A 300 -4.07 7.74 18.20
CA ALA A 300 -5.21 8.60 17.91
C ALA A 300 -6.33 7.82 17.22
N LEU A 301 -5.97 6.94 16.28
CA LEU A 301 -7.01 6.16 15.61
C LEU A 301 -7.60 5.11 16.54
N ASP A 302 -6.78 4.50 17.40
CA ASP A 302 -7.31 3.53 18.35
C ASP A 302 -8.39 4.16 19.23
N LYS A 303 -8.15 5.39 19.68
CA LYS A 303 -9.14 6.05 20.53
C LYS A 303 -10.46 6.24 19.80
N VAL A 304 -10.40 6.58 18.51
CA VAL A 304 -11.64 6.76 17.76
C VAL A 304 -12.31 5.40 17.53
N LEU A 305 -11.53 4.40 17.12
CA LEU A 305 -12.09 3.07 16.87
C LEU A 305 -12.80 2.54 18.10
N LEU A 306 -12.17 2.63 19.26
CA LEU A 306 -12.80 2.11 20.48
C LEU A 306 -14.09 2.86 20.79
N ALA A 307 -14.09 4.18 20.60
CA ALA A 307 -15.27 4.98 20.94
C ALA A 307 -16.47 4.63 20.06
N VAL A 308 -16.25 4.09 18.86
CA VAL A 308 -17.38 3.81 17.97
C VAL A 308 -17.65 2.32 17.84
S SO4 B . -2.62 2.29 -11.17
O1 SO4 B . -1.23 2.32 -10.70
O2 SO4 B . -3.28 3.53 -10.79
O3 SO4 B . -2.64 2.14 -12.62
O4 SO4 B . -3.32 1.15 -10.60
CAA VVI C . -6.05 -12.90 -4.96
CAB VVI C . -7.18 -13.44 -5.56
CAC VVI C . -8.00 -12.64 -6.37
CAD VVI C . -7.65 -11.30 -6.53
CAE VVI C . -6.51 -10.80 -5.92
CAH VVI C . -5.22 -13.70 -4.16
CAL VVI C . -5.08 -8.97 -5.83
CAM VVI C . -9.52 -11.05 -7.88
CAP VVI C . -2.93 -9.38 -4.91
CAQ VVI C . -2.23 -8.43 -5.66
CAR VVI C . -0.94 -8.04 -5.32
CAS VVI C . -0.32 -8.64 -4.22
CAT VVI C . -1.01 -9.59 -3.49
CAW VVI C . -0.79 -6.49 -7.21
CAX VVI C . -1.47 -5.27 -7.01
CAY VVI C . 0.29 -6.25 -8.27
CAZ VVI C . -2.69 -5.08 -7.67
CBA VVI C . -3.42 -3.91 -7.53
CBC VVI C . -1.67 -3.05 -6.09
CBD VVI C . -0.95 -4.23 -6.23
CBG VVI C . 1.02 -8.26 -3.82
NAF VVI C . -5.73 -11.60 -5.16
NAJ VVI C . -6.27 -9.51 -6.15
NAN VVI C . -4.18 -9.79 -5.23
NAU VVI C . -2.32 -9.96 -3.86
NBB VVI C . -2.90 -2.87 -6.74
NBH VVI C . 2.14 -7.96 -3.48
OAI VVI C . -5.74 -13.72 -2.81
OAK VVI C . -8.37 -10.43 -7.29
OAO VVI C . -4.88 -7.78 -6.06
OAV VVI C . -0.22 -7.08 -6.01
BRAG VVI C . -7.65 -15.26 -5.32
CLBE VVI C . 0.57 -4.37 -5.40
CLBF VVI C . -3.34 -6.35 -8.66
C1 EDO D . -11.10 -13.14 -10.82
O1 EDO D . -11.04 -14.55 -11.10
C2 EDO D . -9.91 -12.44 -11.47
O2 EDO D . -10.12 -11.03 -11.46
#